data_2W7Q
#
_entry.id   2W7Q
#
_cell.length_a   41.656
_cell.length_b   68.439
_cell.length_c   61.350
_cell.angle_alpha   90.00
_cell.angle_beta   94.83
_cell.angle_gamma   90.00
#
_symmetry.space_group_name_H-M   'P 1 21 1'
#
loop_
_entity.id
_entity.type
_entity.pdbx_description
1 polymer 'OUTER-MEMBRANE LIPOPROTEIN CARRIER PROTEIN'
2 non-polymer GLYCEROL
3 water water
#
_entity_poly.entity_id   1
_entity_poly.type   'polypeptide(L)'
_entity_poly.pdbx_seq_one_letter_code
;AEHHHHHHLVPRGSIAIDDSAAVQRLTGLLNKAQTLTARFSQLTLDGSGTRLQETAGQLSLKRPGLFRWHTDAPNEQLLI
SNGEKVWLYDPDLEQVTIQKLDQRLTQTPALLLSGDISKISESFAITYKEGGNVVDFVLKPKTKDTLFDTLRLSFRSGKV
NDMQMIDGVGQRTNILFFDVKMNEALDAKQFTFDVPPGVDVIQE
;
_entity_poly.pdbx_strand_id   A,B
#
# COMPACT_ATOMS: atom_id res chain seq x y z
N GLY A 13 -21.66 10.33 -12.13
CA GLY A 13 -21.45 11.81 -11.99
C GLY A 13 -22.73 12.46 -11.53
N SER A 14 -23.79 11.66 -11.44
CA SER A 14 -25.13 12.23 -11.22
C SER A 14 -25.39 12.38 -9.72
N ILE A 15 -25.90 13.54 -9.32
CA ILE A 15 -26.09 13.83 -7.90
C ILE A 15 -27.54 14.13 -7.51
N ALA A 16 -28.45 14.24 -8.47
CA ALA A 16 -29.85 14.50 -8.13
C ALA A 16 -30.71 13.25 -8.39
N ILE A 17 -30.33 12.15 -7.74
CA ILE A 17 -30.87 10.83 -8.04
C ILE A 17 -31.68 10.37 -6.84
N ASP A 18 -32.60 9.42 -7.06
CA ASP A 18 -33.27 8.84 -5.96
C ASP A 18 -32.47 7.62 -5.59
N ASP A 19 -31.67 7.77 -4.54
CA ASP A 19 -30.72 6.75 -4.06
C ASP A 19 -31.17 6.13 -2.72
N SER A 20 -32.48 6.18 -2.50
CA SER A 20 -33.13 5.57 -1.33
CA SER A 20 -33.15 5.55 -1.35
C SER A 20 -32.62 4.16 -1.03
N ALA A 21 -32.62 3.28 -2.02
CA ALA A 21 -32.16 1.90 -1.83
C ALA A 21 -30.68 1.87 -1.37
N ALA A 22 -29.84 2.60 -2.09
CA ALA A 22 -28.44 2.61 -1.83
C ALA A 22 -28.14 3.06 -0.42
N VAL A 23 -28.82 4.10 0.03
CA VAL A 23 -28.62 4.67 1.38
C VAL A 23 -28.93 3.67 2.51
N GLN A 24 -30.07 2.99 2.40
CA GLN A 24 -30.43 1.92 3.34
C GLN A 24 -29.45 0.73 3.30
N ARG A 25 -29.02 0.33 2.11
CA ARG A 25 -28.02 -0.74 2.01
C ARG A 25 -26.75 -0.43 2.79
N LEU A 26 -26.24 0.80 2.65
CA LEU A 26 -24.98 1.20 3.27
C LEU A 26 -25.15 1.26 4.79
N THR A 27 -26.28 1.83 5.22
CA THR A 27 -26.53 1.98 6.64
C THR A 27 -26.59 0.58 7.26
N GLY A 28 -27.27 -0.34 6.60
CA GLY A 28 -27.39 -1.74 7.05
C GLY A 28 -26.05 -2.38 7.33
N LEU A 29 -25.19 -2.38 6.30
CA LEU A 29 -23.83 -2.88 6.34
C LEU A 29 -22.94 -2.24 7.40
N LEU A 30 -22.95 -0.92 7.50
CA LEU A 30 -22.13 -0.24 8.50
C LEU A 30 -22.58 -0.57 9.92
N ASN A 31 -23.88 -0.62 10.13
CA ASN A 31 -24.47 -1.00 11.45
C ASN A 31 -24.25 -2.42 12.00
N LYS A 32 -23.78 -3.34 11.14
CA LYS A 32 -23.37 -4.68 11.53
C LYS A 32 -22.10 -4.62 12.38
N ALA A 33 -21.37 -3.51 12.27
CA ALA A 33 -20.19 -3.20 13.08
C ALA A 33 -20.50 -2.19 14.22
N GLN A 34 -20.93 -2.72 15.36
CA GLN A 34 -21.14 -1.87 16.52
C GLN A 34 -19.80 -1.47 17.12
N THR A 35 -18.81 -2.34 17.07
CA THR A 35 -17.41 -1.90 17.27
C THR A 35 -16.65 -2.49 16.09
N LEU A 36 -15.52 -1.86 15.71
CA LEU A 36 -14.72 -2.38 14.59
C LEU A 36 -13.29 -1.95 14.89
N THR A 37 -12.29 -2.82 14.67
CA THR A 37 -10.94 -2.33 14.52
C THR A 37 -10.38 -2.88 13.22
N ALA A 38 -9.43 -2.15 12.61
CA ALA A 38 -8.73 -2.71 11.47
C ALA A 38 -7.37 -2.11 11.37
N ARG A 39 -6.52 -2.72 10.58
CA ARG A 39 -5.29 -2.07 10.19
C ARG A 39 -5.58 -1.56 8.78
N PHE A 40 -4.81 -0.56 8.35
CA PHE A 40 -4.89 -0.04 6.97
C PHE A 40 -3.50 0.19 6.36
N SER A 41 -3.40 0.07 5.04
CA SER A 41 -2.22 0.58 4.30
C SER A 41 -2.81 1.61 3.35
N GLN A 42 -2.28 2.80 3.37
CA GLN A 42 -2.88 3.85 2.52
C GLN A 42 -1.81 4.30 1.59
N LEU A 43 -2.15 4.39 0.30
CA LEU A 43 -1.24 4.91 -0.71
C LEU A 43 -1.88 6.15 -1.36
N THR A 44 -1.16 7.27 -1.41
CA THR A 44 -1.72 8.53 -1.91
C THR A 44 -0.83 8.98 -3.04
N LEU A 45 -1.45 9.22 -4.20
CA LEU A 45 -0.71 9.72 -5.35
C LEU A 45 -1.26 11.06 -5.74
N ASP A 46 -0.39 12.08 -5.84
CA ASP A 46 -0.92 13.42 -6.13
C ASP A 46 -1.41 13.49 -7.55
N GLY A 47 -2.15 14.57 -7.82
CA GLY A 47 -2.75 14.80 -9.12
C GLY A 47 -1.79 14.82 -10.28
N SER A 48 -0.55 15.23 -10.00
CA SER A 48 0.45 15.33 -11.03
C SER A 48 1.07 13.94 -11.32
N GLY A 49 0.68 12.93 -10.52
CA GLY A 49 1.29 11.58 -10.56
C GLY A 49 2.80 11.48 -10.28
N THR A 50 3.39 12.47 -9.61
CA THR A 50 4.83 12.49 -9.41
C THR A 50 5.23 12.46 -7.94
N ARG A 51 4.23 12.44 -7.04
CA ARG A 51 4.44 12.29 -5.59
C ARG A 51 3.58 11.16 -4.95
N LEU A 52 4.23 10.09 -4.47
CA LEU A 52 3.52 8.89 -3.91
C LEU A 52 3.97 8.71 -2.47
N GLN A 53 3.01 8.56 -1.56
CA GLN A 53 3.36 8.24 -0.17
C GLN A 53 2.48 7.17 0.40
N GLU A 54 3.09 6.27 1.15
CA GLU A 54 2.38 5.26 1.89
C GLU A 54 2.37 5.62 3.38
N THR A 55 1.26 5.32 4.01
CA THR A 55 1.09 5.45 5.45
C THR A 55 0.41 4.14 5.87
N ALA A 56 0.67 3.70 7.07
CA ALA A 56 -0.01 2.53 7.65
C ALA A 56 -0.58 3.01 8.91
N GLY A 57 -1.58 2.30 9.45
CA GLY A 57 -2.07 2.69 10.78
C GLY A 57 -3.24 1.79 11.13
N GLN A 58 -4.12 2.31 11.98
CA GLN A 58 -5.21 1.54 12.57
CA GLN A 58 -5.15 1.56 12.67
C GLN A 58 -6.41 2.43 12.79
N LEU A 59 -7.58 1.81 12.74
CA LEU A 59 -8.87 2.47 12.85
C LEU A 59 -9.51 1.73 14.01
N SER A 60 -10.20 2.45 14.88
CA SER A 60 -11.14 1.82 15.80
C SER A 60 -12.46 2.63 15.71
N LEU A 61 -13.56 1.98 16.04
CA LEU A 61 -14.86 2.62 15.94
C LEU A 61 -15.76 1.97 16.96
N LYS A 62 -16.52 2.77 17.71
CA LYS A 62 -17.40 2.21 18.75
C LYS A 62 -18.62 3.07 18.75
N ARG A 63 -19.71 2.50 18.26
CA ARG A 63 -20.97 3.24 18.12
C ARG A 63 -21.68 3.44 19.44
N PRO A 64 -22.39 4.57 19.60
CA PRO A 64 -22.58 5.64 18.65
C PRO A 64 -21.39 6.65 18.60
N GLY A 65 -21.05 7.08 17.41
CA GLY A 65 -20.05 8.13 17.15
C GLY A 65 -18.62 8.21 17.72
N LEU A 66 -18.03 7.13 18.24
CA LEU A 66 -16.61 7.17 18.67
C LEU A 66 -15.73 6.56 17.58
N PHE A 67 -14.69 7.28 17.20
CA PHE A 67 -13.87 6.92 16.00
C PHE A 67 -12.44 7.35 16.25
N ARG A 68 -11.48 6.48 15.92
CA ARG A 68 -10.07 6.74 16.09
CA ARG A 68 -10.07 6.79 16.05
C ARG A 68 -9.36 6.34 14.77
N TRP A 69 -8.52 7.23 14.21
CA TRP A 69 -7.84 6.97 12.94
C TRP A 69 -6.43 7.34 13.29
N HIS A 70 -5.52 6.38 13.26
CA HIS A 70 -4.14 6.60 13.67
C HIS A 70 -3.22 6.25 12.48
N THR A 71 -2.29 7.15 12.15
CA THR A 71 -1.29 6.88 11.16
C THR A 71 0.02 6.73 11.93
N ASP A 72 0.81 5.71 11.60
CA ASP A 72 2.08 5.43 12.28
C ASP A 72 3.13 6.46 11.90
N ALA A 73 4.10 6.64 12.80
CA ALA A 73 5.31 7.39 12.48
C ALA A 73 5.95 6.80 11.20
N PRO A 74 6.67 7.59 10.38
CA PRO A 74 7.02 9.02 10.46
C PRO A 74 5.79 9.84 10.15
N ASN A 75 5.80 11.12 10.53
CA ASN A 75 4.60 11.98 10.45
CA ASN A 75 4.59 11.95 10.36
C ASN A 75 3.36 11.28 11.01
N GLU A 76 3.49 10.85 12.26
CA GLU A 76 2.41 10.18 12.94
C GLU A 76 1.24 11.14 13.07
N GLN A 77 0.01 10.66 13.04
CA GLN A 77 -1.14 11.53 13.28
CA GLN A 77 -1.18 11.50 13.23
C GLN A 77 -2.19 10.67 14.00
N LEU A 78 -2.89 11.29 14.99
CA LEU A 78 -3.99 10.62 15.68
C LEU A 78 -5.22 11.47 15.56
N LEU A 79 -6.29 10.96 14.95
CA LEU A 79 -7.54 11.70 14.92
C LEU A 79 -8.59 10.95 15.75
N ILE A 80 -9.31 11.66 16.62
CA ILE A 80 -10.37 11.06 17.41
C ILE A 80 -11.61 11.89 17.08
N SER A 81 -12.73 11.20 16.89
CA SER A 81 -13.99 11.90 16.66
C SER A 81 -14.98 11.37 17.66
N ASN A 82 -15.83 12.26 18.14
CA ASN A 82 -16.78 11.95 19.23
C ASN A 82 -17.94 12.82 18.90
N GLY A 83 -18.99 12.20 18.34
CA GLY A 83 -20.15 12.98 17.89
C GLY A 83 -19.85 14.07 16.86
N GLU A 84 -20.06 15.32 17.26
CA GLU A 84 -19.98 16.42 16.31
C GLU A 84 -18.65 17.14 16.54
N LYS A 85 -17.58 16.39 16.85
CA LYS A 85 -16.28 17.01 17.27
C LYS A 85 -15.14 16.11 16.78
N VAL A 86 -14.04 16.71 16.30
CA VAL A 86 -12.87 15.94 15.92
C VAL A 86 -11.67 16.63 16.58
N TRP A 87 -10.69 15.86 17.06
CA TRP A 87 -9.44 16.38 17.57
C TRP A 87 -8.38 15.69 16.73
N LEU A 88 -7.44 16.45 16.18
CA LEU A 88 -6.42 15.85 15.37
C LEU A 88 -5.10 16.18 16.08
N TYR A 89 -4.33 15.18 16.46
CA TYR A 89 -3.08 15.42 17.16
C TYR A 89 -1.95 15.08 16.22
N ASP A 90 -1.04 16.06 16.06
CA ASP A 90 0.17 15.93 15.29
C ASP A 90 1.38 16.00 16.23
N PRO A 91 1.88 14.84 16.71
CA PRO A 91 2.93 14.87 17.74
C PRO A 91 4.22 15.55 17.26
N ASP A 92 4.52 15.46 15.96
CA ASP A 92 5.70 16.14 15.47
C ASP A 92 5.62 17.63 15.78
N LEU A 93 4.46 18.23 15.51
CA LEU A 93 4.25 19.67 15.59
C LEU A 93 3.77 20.06 16.97
N GLU A 94 3.55 19.08 17.85
CA GLU A 94 3.01 19.28 19.20
C GLU A 94 1.77 20.13 19.08
N GLN A 95 0.79 19.70 18.29
CA GLN A 95 -0.29 20.61 17.89
C GLN A 95 -1.57 19.80 17.86
N VAL A 96 -2.67 20.36 18.36
CA VAL A 96 -4.00 19.67 18.28
C VAL A 96 -4.90 20.60 17.53
N THR A 97 -5.56 20.09 16.50
CA THR A 97 -6.53 20.87 15.78
C THR A 97 -7.89 20.41 16.23
N ILE A 98 -8.75 21.34 16.60
CA ILE A 98 -10.11 21.01 17.03
C ILE A 98 -11.08 21.49 15.96
N GLN A 99 -11.92 20.59 15.46
CA GLN A 99 -12.84 20.93 14.37
C GLN A 99 -14.16 20.20 14.52
N LYS A 100 -15.22 20.72 13.89
CA LYS A 100 -16.51 19.99 13.79
C LYS A 100 -16.34 18.91 12.68
N LEU A 101 -17.06 17.76 12.71
CA LEU A 101 -16.72 16.57 11.83
C LEU A 101 -16.76 16.68 10.25
N ASP A 102 -17.75 17.39 9.76
CA ASP A 102 -18.04 17.47 8.33
C ASP A 102 -17.07 18.38 7.58
N GLN A 103 -16.01 18.76 8.26
CA GLN A 103 -14.90 19.48 7.66
C GLN A 103 -13.92 18.39 7.28
N ARG A 104 -13.35 17.80 8.34
CA ARG A 104 -12.33 16.74 8.26
C ARG A 104 -12.59 15.60 7.27
N LEU A 105 -13.89 15.24 7.03
CA LEU A 105 -14.27 14.08 6.15
C LEU A 105 -13.54 14.03 4.82
N THR A 106 -13.23 15.21 4.30
CA THR A 106 -12.38 15.32 3.13
C THR A 106 -10.96 14.72 3.32
N GLN A 107 -10.28 15.11 4.44
CA GLN A 107 -8.92 14.59 4.67
C GLN A 107 -8.89 13.21 5.36
N THR A 108 -9.99 12.87 6.05
CA THR A 108 -10.21 11.56 6.64
C THR A 108 -11.50 10.98 6.10
N PRO A 109 -11.47 10.48 4.83
CA PRO A 109 -12.71 9.86 4.34
C PRO A 109 -13.19 8.64 5.13
N ALA A 110 -12.35 7.99 5.94
CA ALA A 110 -12.83 6.87 6.74
C ALA A 110 -13.81 7.32 7.78
N LEU A 111 -13.94 8.63 7.93
CA LEU A 111 -14.92 9.17 8.91
C LEU A 111 -16.33 8.76 8.50
N LEU A 112 -16.52 8.48 7.19
CA LEU A 112 -17.76 7.83 6.68
C LEU A 112 -18.20 6.60 7.49
N LEU A 113 -17.24 5.78 7.91
CA LEU A 113 -17.58 4.56 8.68
C LEU A 113 -18.36 4.78 9.97
N SER A 114 -18.09 5.91 10.63
CA SER A 114 -18.68 6.25 11.92
CA SER A 114 -18.71 6.22 11.91
C SER A 114 -19.78 7.27 11.76
N GLY A 115 -19.96 7.75 10.53
CA GLY A 115 -20.86 8.86 10.30
C GLY A 115 -22.32 8.53 10.40
N ASP A 116 -23.11 9.55 10.68
CA ASP A 116 -24.54 9.46 10.61
C ASP A 116 -24.85 9.51 9.12
N ILE A 117 -25.28 8.37 8.58
CA ILE A 117 -25.43 8.22 7.13
C ILE A 117 -26.61 9.02 6.64
N SER A 118 -27.52 9.31 7.57
CA SER A 118 -28.60 10.24 7.32
C SER A 118 -28.08 11.64 7.03
N LYS A 119 -27.16 12.13 7.86
CA LYS A 119 -26.60 13.46 7.64
C LYS A 119 -25.67 13.46 6.43
N ILE A 120 -24.78 12.48 6.37
CA ILE A 120 -23.88 12.35 5.23
C ILE A 120 -24.63 12.35 3.88
N SER A 121 -25.69 11.55 3.76
CA SER A 121 -26.46 11.42 2.53
C SER A 121 -27.15 12.71 2.04
N GLU A 122 -27.14 13.73 2.88
CA GLU A 122 -27.62 15.03 2.44
C GLU A 122 -26.53 15.74 1.64
N SER A 123 -25.30 15.24 1.78
CA SER A 123 -24.10 15.82 1.16
C SER A 123 -23.57 14.92 0.03
N PHE A 124 -24.04 13.68 -0.06
CA PHE A 124 -23.49 12.79 -1.08
C PHE A 124 -24.60 11.99 -1.74
N ALA A 125 -24.56 11.90 -3.09
CA ALA A 125 -25.41 10.91 -3.84
C ALA A 125 -24.71 9.53 -3.90
N ILE A 126 -25.46 8.47 -3.65
CA ILE A 126 -24.84 7.16 -3.39
C ILE A 126 -25.40 6.12 -4.37
N THR A 127 -24.50 5.39 -5.02
CA THR A 127 -24.94 4.26 -5.85
C THR A 127 -24.12 3.07 -5.36
N TYR A 128 -24.58 1.88 -5.67
CA TYR A 128 -23.78 0.72 -5.34
C TYR A 128 -23.98 -0.36 -6.40
N LYS A 129 -22.97 -1.22 -6.53
CA LYS A 129 -23.09 -2.45 -7.28
C LYS A 129 -22.84 -3.58 -6.28
N GLU A 130 -23.44 -4.71 -6.51
CA GLU A 130 -23.19 -5.81 -5.61
C GLU A 130 -22.98 -7.04 -6.44
N GLY A 131 -21.85 -7.71 -6.20
CA GLY A 131 -21.58 -9.01 -6.82
C GLY A 131 -21.00 -9.95 -5.80
N GLY A 132 -21.77 -11.01 -5.48
CA GLY A 132 -21.33 -12.06 -4.62
C GLY A 132 -20.97 -11.63 -3.22
N ASN A 133 -19.67 -11.77 -2.93
CA ASN A 133 -19.14 -11.49 -1.61
CA ASN A 133 -19.10 -11.49 -1.64
C ASN A 133 -18.86 -10.00 -1.48
N VAL A 134 -18.99 -9.27 -2.57
CA VAL A 134 -18.51 -7.86 -2.57
C VAL A 134 -19.65 -6.88 -2.80
N VAL A 135 -19.78 -5.84 -1.97
CA VAL A 135 -20.72 -4.71 -2.22
C VAL A 135 -19.90 -3.43 -2.37
N ASP A 136 -20.07 -2.75 -3.48
CA ASP A 136 -19.17 -1.58 -3.78
C ASP A 136 -20.05 -0.34 -3.80
N PHE A 137 -19.69 0.71 -3.06
CA PHE A 137 -20.47 1.96 -3.02
C PHE A 137 -19.68 3.06 -3.64
N VAL A 138 -20.34 3.98 -4.34
CA VAL A 138 -19.69 5.17 -4.83
C VAL A 138 -20.42 6.38 -4.28
N LEU A 139 -19.70 7.33 -3.72
CA LEU A 139 -20.35 8.50 -3.16
C LEU A 139 -19.90 9.67 -3.98
N LYS A 140 -20.82 10.55 -4.36
CA LYS A 140 -20.49 11.72 -5.17
C LYS A 140 -21.07 12.91 -4.45
N PRO A 141 -20.25 13.96 -4.22
CA PRO A 141 -20.79 15.10 -3.45
C PRO A 141 -21.95 15.78 -4.19
N LYS A 142 -23.00 16.16 -3.46
CA LYS A 142 -24.15 16.79 -4.08
C LYS A 142 -23.93 18.28 -4.33
N THR A 143 -22.96 18.86 -3.62
CA THR A 143 -22.53 20.20 -4.02
C THR A 143 -21.13 20.13 -4.61
N LYS A 144 -20.88 20.80 -5.74
CA LYS A 144 -19.53 20.87 -6.34
C LYS A 144 -18.54 21.79 -5.57
N ASP A 145 -19.06 22.58 -4.60
CA ASP A 145 -18.29 22.95 -3.41
C ASP A 145 -17.80 21.68 -2.74
N THR A 146 -16.49 21.39 -2.83
CA THR A 146 -15.97 20.12 -2.31
C THR A 146 -14.59 19.86 -2.86
N LEU A 147 -13.77 19.16 -2.07
CA LEU A 147 -12.49 18.62 -2.52
C LEU A 147 -12.58 17.16 -2.93
N PHE A 148 -13.78 16.65 -3.09
CA PHE A 148 -14.00 15.27 -3.54
C PHE A 148 -14.50 15.23 -4.96
N ASP A 149 -14.01 14.30 -5.73
CA ASP A 149 -14.60 13.97 -6.99
C ASP A 149 -15.48 12.74 -6.73
N THR A 150 -14.88 11.62 -6.28
CA THR A 150 -15.67 10.46 -5.90
C THR A 150 -15.03 9.80 -4.68
N LEU A 151 -15.84 9.13 -3.90
CA LEU A 151 -15.34 8.33 -2.79
C LEU A 151 -15.98 6.96 -2.97
N ARG A 152 -15.18 5.91 -2.87
CA ARG A 152 -15.67 4.57 -3.05
CA ARG A 152 -15.65 4.55 -3.07
C ARG A 152 -15.40 3.79 -1.76
N LEU A 153 -16.34 2.97 -1.39
CA LEU A 153 -16.16 2.13 -0.24
C LEU A 153 -16.74 0.77 -0.58
N SER A 154 -15.94 -0.25 -0.34
CA SER A 154 -16.32 -1.62 -0.62
C SER A 154 -16.29 -2.51 0.62
N PHE A 155 -17.29 -3.42 0.67
CA PHE A 155 -17.44 -4.39 1.70
C PHE A 155 -17.07 -5.74 1.10
N ARG A 156 -16.37 -6.58 1.86
CA ARG A 156 -16.17 -7.96 1.40
C ARG A 156 -16.69 -8.92 2.49
N SER A 157 -17.61 -9.79 2.14
CA SER A 157 -18.15 -10.76 3.10
C SER A 157 -18.72 -9.97 4.24
N GLY A 158 -19.35 -8.86 3.87
CA GLY A 158 -20.04 -7.98 4.81
C GLY A 158 -19.17 -7.17 5.77
N LYS A 159 -17.85 -7.02 5.52
CA LYS A 159 -16.98 -6.29 6.39
C LYS A 159 -16.35 -5.20 5.55
N VAL A 160 -16.06 -4.05 6.16
CA VAL A 160 -15.35 -2.97 5.46
C VAL A 160 -14.07 -3.56 4.90
N ASN A 161 -13.77 -3.20 3.65
CA ASN A 161 -12.63 -3.79 2.97
C ASN A 161 -11.62 -2.81 2.39
N ASP A 162 -12.10 -1.84 1.60
CA ASP A 162 -11.15 -0.89 0.99
C ASP A 162 -11.91 0.37 0.61
N MET A 163 -11.14 1.45 0.46
CA MET A 163 -11.71 2.74 0.02
C MET A 163 -10.86 3.35 -1.04
N GLN A 164 -11.45 4.18 -1.90
CA GLN A 164 -10.65 4.97 -2.85
C GLN A 164 -11.29 6.33 -2.94
N MET A 165 -10.48 7.39 -2.79
CA MET A 165 -10.92 8.77 -2.93
C MET A 165 -10.17 9.37 -4.10
N ILE A 166 -10.88 10.09 -4.94
CA ILE A 166 -10.23 10.90 -5.92
C ILE A 166 -10.71 12.34 -5.66
N ASP A 167 -9.75 13.25 -5.55
CA ASP A 167 -10.08 14.63 -5.28
C ASP A 167 -10.18 15.36 -6.63
N GLY A 168 -10.42 16.66 -6.58
CA GLY A 168 -10.82 17.31 -7.79
C GLY A 168 -9.64 17.66 -8.67
N VAL A 169 -8.42 17.62 -8.10
CA VAL A 169 -7.20 17.83 -8.88
C VAL A 169 -6.59 16.51 -9.32
N GLY A 170 -7.24 15.42 -8.92
CA GLY A 170 -6.88 14.08 -9.36
C GLY A 170 -5.98 13.33 -8.39
N GLN A 171 -5.69 13.87 -7.21
CA GLN A 171 -5.06 13.08 -6.17
C GLN A 171 -5.90 11.82 -5.86
N ARG A 172 -5.25 10.67 -5.77
CA ARG A 172 -6.01 9.44 -5.53
C ARG A 172 -5.44 8.80 -4.30
N THR A 173 -6.31 8.35 -3.43
CA THR A 173 -5.89 7.71 -2.16
C THR A 173 -6.53 6.35 -2.13
N ASN A 174 -5.76 5.29 -1.95
CA ASN A 174 -6.38 3.95 -1.87
C ASN A 174 -6.11 3.49 -0.48
N ILE A 175 -7.13 3.01 0.21
CA ILE A 175 -6.97 2.54 1.57
C ILE A 175 -7.34 1.06 1.56
N LEU A 176 -6.44 0.23 2.03
CA LEU A 176 -6.72 -1.19 2.05
C LEU A 176 -6.82 -1.55 3.48
N PHE A 177 -7.93 -2.19 3.86
CA PHE A 177 -8.06 -2.60 5.25
C PHE A 177 -7.72 -4.06 5.39
N PHE A 178 -7.12 -4.39 6.52
CA PHE A 178 -6.84 -5.81 6.81
C PHE A 178 -6.87 -6.10 8.30
N ASP A 179 -6.86 -7.39 8.70
CA ASP A 179 -7.04 -7.74 10.10
C ASP A 179 -8.27 -7.08 10.73
N VAL A 180 -9.37 -7.04 9.98
CA VAL A 180 -10.57 -6.36 10.44
C VAL A 180 -11.16 -7.29 11.48
N LYS A 181 -11.64 -6.72 12.61
CA LYS A 181 -12.25 -7.45 13.72
C LYS A 181 -13.54 -6.74 14.09
N MET A 182 -14.66 -7.44 14.04
CA MET A 182 -15.90 -6.80 14.28
C MET A 182 -16.50 -7.17 15.61
N ASN A 183 -17.14 -6.18 16.22
CA ASN A 183 -17.89 -6.33 17.44
C ASN A 183 -17.14 -6.84 18.66
N GLU A 184 -15.83 -6.65 18.70
CA GLU A 184 -15.09 -7.05 19.90
C GLU A 184 -15.13 -5.91 20.91
N ALA A 185 -14.85 -6.21 22.17
CA ALA A 185 -15.00 -5.21 23.24
C ALA A 185 -14.00 -4.06 23.08
N LEU A 186 -14.48 -2.81 23.22
CA LEU A 186 -13.65 -1.63 23.16
C LEU A 186 -13.99 -0.68 24.32
N ASP A 187 -12.99 -0.26 25.10
CA ASP A 187 -13.22 0.65 26.23
C ASP A 187 -13.19 2.11 25.74
N ALA A 188 -13.95 2.99 26.39
CA ALA A 188 -13.99 4.40 25.96
C ALA A 188 -12.57 4.94 25.98
N LYS A 189 -11.78 4.46 26.93
CA LYS A 189 -10.39 4.90 27.12
C LYS A 189 -9.49 4.59 25.94
N GLN A 190 -9.92 3.69 25.05
CA GLN A 190 -9.14 3.40 23.86
C GLN A 190 -9.35 4.49 22.84
N PHE A 191 -10.23 5.45 23.13
CA PHE A 191 -10.44 6.64 22.28
C PHE A 191 -9.92 7.89 22.97
N THR A 192 -8.86 7.67 23.76
CA THR A 192 -8.19 8.65 24.57
C THR A 192 -6.67 8.66 24.31
N PHE A 193 -6.06 9.85 24.45
CA PHE A 193 -4.63 10.00 24.25
C PHE A 193 -4.03 11.06 25.14
N ASP A 194 -2.78 10.83 25.52
CA ASP A 194 -1.98 11.74 26.36
C ASP A 194 -1.79 13.13 25.72
N VAL A 195 -2.63 14.09 26.10
CA VAL A 195 -2.34 15.49 25.84
C VAL A 195 -1.01 15.99 26.45
N PRO A 196 -0.02 16.33 25.60
CA PRO A 196 1.17 16.98 26.23
C PRO A 196 0.80 18.31 26.80
N PRO A 197 1.34 18.65 27.96
CA PRO A 197 1.04 19.99 28.49
C PRO A 197 1.60 21.13 27.61
N GLY A 198 0.81 22.18 27.36
CA GLY A 198 1.25 23.33 26.60
C GLY A 198 1.16 23.10 25.10
N VAL A 199 0.47 22.06 24.68
CA VAL A 199 0.34 21.72 23.24
C VAL A 199 -0.29 22.92 22.51
N ASP A 200 0.10 23.19 21.27
CA ASP A 200 -0.45 24.30 20.49
C ASP A 200 -1.87 23.91 20.02
N VAL A 201 -2.90 24.68 20.30
CA VAL A 201 -4.26 24.23 19.94
C VAL A 201 -4.75 25.16 18.84
N ILE A 202 -5.14 24.60 17.71
CA ILE A 202 -5.62 25.43 16.59
C ILE A 202 -7.02 24.99 16.12
N GLN A 203 -7.65 25.87 15.32
CA GLN A 203 -8.96 25.65 14.66
C GLN A 203 -8.91 25.28 13.17
N GLU A 204 -7.92 25.75 12.43
CA GLU A 204 -7.93 25.52 10.94
CA GLU A 204 -7.84 25.47 11.01
C GLU A 204 -6.76 24.69 10.32
N SER B 20 31.80 -4.08 4.35
CA SER B 20 33.18 -4.31 3.83
C SER B 20 33.31 -3.98 2.34
N ALA B 21 34.34 -4.52 1.71
CA ALA B 21 34.67 -4.17 0.31
C ALA B 21 33.51 -4.55 -0.60
N ALA B 22 33.00 -5.77 -0.38
CA ALA B 22 31.93 -6.34 -1.21
C ALA B 22 30.66 -5.50 -1.06
N VAL B 23 30.27 -5.18 0.17
CA VAL B 23 29.16 -4.26 0.46
C VAL B 23 29.23 -2.87 -0.23
N GLN B 24 30.34 -2.14 -0.10
CA GLN B 24 30.57 -0.84 -0.79
C GLN B 24 30.54 -0.96 -2.34
N ARG B 25 31.09 -2.05 -2.86
CA ARG B 25 31.04 -2.28 -4.34
C ARG B 25 29.58 -2.41 -4.87
N LEU B 26 28.75 -3.16 -4.11
CA LEU B 26 27.38 -3.38 -4.53
C LEU B 26 26.60 -2.11 -4.42
N THR B 27 26.73 -1.43 -3.30
CA THR B 27 26.00 -0.19 -3.16
C THR B 27 26.42 0.80 -4.25
N GLY B 28 27.71 0.88 -4.56
CA GLY B 28 28.20 1.83 -5.57
C GLY B 28 27.54 1.52 -6.91
N LEU B 29 27.46 0.23 -7.26
CA LEU B 29 26.83 -0.16 -8.53
C LEU B 29 25.30 0.12 -8.56
N LEU B 30 24.61 -0.27 -7.49
CA LEU B 30 23.19 -0.06 -7.46
C LEU B 30 22.89 1.42 -7.38
N ASN B 31 23.67 2.16 -6.58
CA ASN B 31 23.44 3.60 -6.45
C ASN B 31 23.61 4.38 -7.77
N LYS B 32 24.21 3.79 -8.81
CA LYS B 32 24.27 4.46 -10.14
C LYS B 32 22.92 4.50 -10.82
N ALA B 33 22.07 3.57 -10.42
CA ALA B 33 20.71 3.48 -10.95
C ALA B 33 19.78 4.24 -10.02
N GLN B 34 19.75 5.57 -10.17
CA GLN B 34 18.79 6.44 -9.45
C GLN B 34 17.36 6.20 -9.91
N THR B 35 17.21 5.95 -11.21
CA THR B 35 16.03 5.31 -11.78
C THR B 35 16.46 4.15 -12.66
N LEU B 36 15.60 3.15 -12.81
CA LEU B 36 15.91 2.07 -13.70
C LEU B 36 14.64 1.39 -14.18
N THR B 37 14.57 1.11 -15.48
CA THR B 37 13.60 0.16 -16.02
C THR B 37 14.31 -0.93 -16.85
N ALA B 38 13.73 -2.13 -16.91
CA ALA B 38 14.28 -3.24 -17.71
C ALA B 38 13.21 -4.27 -17.93
N ARG B 39 13.29 -5.00 -19.04
CA ARG B 39 12.48 -6.19 -19.26
CA ARG B 39 12.46 -6.17 -19.18
C ARG B 39 13.21 -7.34 -18.58
N PHE B 40 12.49 -8.39 -18.24
CA PHE B 40 13.10 -9.58 -17.61
C PHE B 40 12.55 -10.88 -18.28
N SER B 41 13.36 -11.92 -18.34
CA SER B 41 12.87 -13.25 -18.69
C SER B 41 13.34 -14.11 -17.55
N GLN B 42 12.43 -14.92 -16.98
CA GLN B 42 12.72 -15.67 -15.78
C GLN B 42 12.34 -17.12 -15.99
N LEU B 43 13.23 -18.03 -15.58
CA LEU B 43 12.95 -19.45 -15.60
C LEU B 43 13.15 -20.04 -14.24
N THR B 44 12.14 -20.77 -13.75
CA THR B 44 12.18 -21.30 -12.40
CA THR B 44 12.16 -21.29 -12.41
C THR B 44 12.06 -22.80 -12.53
N LEU B 45 13.00 -23.50 -11.91
CA LEU B 45 12.97 -24.96 -11.98
C LEU B 45 12.83 -25.48 -10.53
N ASP B 46 11.72 -26.18 -10.24
CA ASP B 46 11.50 -26.71 -8.88
C ASP B 46 12.64 -27.65 -8.49
N GLY B 47 12.71 -28.02 -7.20
CA GLY B 47 13.81 -28.83 -6.67
C GLY B 47 14.06 -30.17 -7.32
N SER B 48 12.97 -30.85 -7.68
CA SER B 48 12.99 -32.16 -8.31
C SER B 48 13.44 -32.16 -9.77
N GLY B 49 13.40 -30.98 -10.41
CA GLY B 49 13.79 -30.84 -11.82
C GLY B 49 12.69 -31.26 -12.77
N THR B 50 11.45 -31.34 -12.28
CA THR B 50 10.36 -31.88 -13.08
C THR B 50 9.31 -30.84 -13.33
N ARG B 51 9.47 -29.65 -12.72
CA ARG B 51 8.63 -28.51 -13.07
C ARG B 51 9.46 -27.31 -13.48
N LEU B 52 9.15 -26.76 -14.65
CA LEU B 52 9.89 -25.60 -15.13
C LEU B 52 8.88 -24.60 -15.57
N GLN B 53 8.99 -23.35 -15.08
CA GLN B 53 8.06 -22.30 -15.46
C GLN B 53 8.79 -21.08 -15.97
N GLU B 54 8.40 -20.58 -17.14
CA GLU B 54 8.97 -19.32 -17.66
C GLU B 54 7.97 -18.21 -17.39
N THR B 55 8.47 -17.05 -16.98
CA THR B 55 7.68 -15.81 -16.84
C THR B 55 8.48 -14.64 -17.42
N ALA B 56 7.79 -13.57 -17.73
CA ALA B 56 8.46 -12.39 -18.27
C ALA B 56 7.75 -11.19 -17.77
N GLY B 57 8.39 -10.04 -17.85
CA GLY B 57 7.71 -8.82 -17.43
C GLY B 57 8.65 -7.65 -17.41
N GLN B 58 8.34 -6.68 -16.56
CA GLN B 58 9.13 -5.45 -16.47
C GLN B 58 9.47 -5.06 -15.05
N LEU B 59 10.67 -4.53 -14.85
CA LEU B 59 11.15 -4.02 -13.55
C LEU B 59 11.22 -2.49 -13.66
N SER B 60 10.77 -1.75 -12.64
CA SER B 60 11.07 -0.31 -12.51
C SER B 60 11.61 -0.10 -11.12
N LEU B 61 12.52 0.85 -10.95
CA LEU B 61 13.05 1.22 -9.64
C LEU B 61 13.30 2.75 -9.57
N LYS B 62 13.12 3.37 -8.41
CA LYS B 62 13.39 4.79 -8.27
C LYS B 62 13.86 5.03 -6.85
N ARG B 63 15.05 5.61 -6.68
CA ARG B 63 15.50 5.99 -5.32
C ARG B 63 14.86 7.30 -4.81
N PRO B 64 14.53 7.35 -3.51
CA PRO B 64 14.78 6.28 -2.56
C PRO B 64 13.63 5.23 -2.46
N GLY B 65 13.99 3.97 -2.37
CA GLY B 65 13.07 2.93 -1.91
C GLY B 65 11.75 2.65 -2.63
N LEU B 66 11.74 2.59 -3.99
CA LEU B 66 10.51 2.33 -4.80
C LEU B 66 10.81 1.36 -5.91
N PHE B 67 9.93 0.43 -6.17
CA PHE B 67 10.30 -0.71 -6.99
C PHE B 67 8.99 -1.29 -7.54
N ARG B 68 9.06 -1.79 -8.77
CA ARG B 68 7.89 -2.41 -9.41
CA ARG B 68 7.89 -2.40 -9.38
C ARG B 68 8.38 -3.64 -10.11
N TRP B 69 7.70 -4.77 -9.92
CA TRP B 69 8.00 -6.01 -10.69
C TRP B 69 6.67 -6.48 -11.27
N HIS B 70 6.50 -6.36 -12.59
CA HIS B 70 5.21 -6.61 -13.18
C HIS B 70 5.34 -7.79 -14.14
N THR B 71 4.64 -8.90 -13.87
CA THR B 71 4.81 -10.09 -14.65
C THR B 71 3.66 -10.14 -15.62
N ASP B 72 3.96 -10.55 -16.84
CA ASP B 72 3.00 -10.58 -17.96
C ASP B 72 2.05 -11.73 -17.82
N ALA B 73 0.80 -11.52 -18.25
CA ALA B 73 -0.15 -12.57 -18.52
C ALA B 73 0.54 -13.60 -19.45
N PRO B 74 0.25 -14.89 -19.29
CA PRO B 74 -0.83 -15.58 -18.57
C PRO B 74 -0.52 -15.81 -17.10
N ASN B 75 0.56 -15.20 -16.61
CA ASN B 75 0.97 -15.39 -15.23
C ASN B 75 0.97 -14.02 -14.50
N GLU B 76 -0.08 -13.24 -14.73
CA GLU B 76 0.01 -11.87 -14.34
C GLU B 76 0.09 -11.67 -12.86
N GLN B 77 0.96 -10.75 -12.49
CA GLN B 77 1.04 -10.31 -11.10
C GLN B 77 1.77 -8.97 -11.02
N LEU B 78 1.44 -8.14 -10.05
CA LEU B 78 2.03 -6.85 -9.92
C LEU B 78 2.55 -6.76 -8.50
N LEU B 79 3.83 -6.47 -8.35
CA LEU B 79 4.40 -6.22 -7.04
C LEU B 79 5.01 -4.82 -7.02
N ILE B 80 4.79 -4.12 -5.93
CA ILE B 80 5.32 -2.81 -5.72
C ILE B 80 5.99 -2.86 -4.36
N SER B 81 7.13 -2.19 -4.24
CA SER B 81 7.81 -2.06 -2.98
C SER B 81 8.23 -0.60 -2.74
N ASN B 82 8.23 -0.21 -1.46
CA ASN B 82 8.35 1.18 -1.00
C ASN B 82 8.78 1.09 0.43
N GLU B 84 11.08 -1.36 1.25
CA GLU B 84 10.76 -1.65 2.66
C GLU B 84 9.60 -2.63 2.86
N LYS B 85 8.46 -2.20 2.35
CA LYS B 85 7.21 -2.89 2.47
C LYS B 85 6.95 -3.29 1.05
N VAL B 86 6.17 -4.36 0.86
CA VAL B 86 5.86 -4.88 -0.46
C VAL B 86 4.37 -5.16 -0.56
N TRP B 87 3.77 -4.79 -1.70
CA TRP B 87 2.32 -5.01 -1.96
C TRP B 87 2.26 -5.93 -3.20
N LEU B 88 1.62 -7.08 -3.07
CA LEU B 88 1.68 -8.04 -4.20
C LEU B 88 0.28 -8.25 -4.62
N TYR B 89 -0.04 -7.97 -5.87
CA TYR B 89 -1.38 -8.18 -6.34
C TYR B 89 -1.42 -9.34 -7.32
N ASP B 90 -2.23 -10.34 -6.99
CA ASP B 90 -2.48 -11.48 -7.88
C ASP B 90 -3.92 -11.40 -8.34
N PRO B 91 -4.13 -11.00 -9.61
CA PRO B 91 -5.46 -10.95 -10.19
C PRO B 91 -6.21 -12.29 -10.21
N ASP B 92 -5.50 -13.42 -10.27
CA ASP B 92 -6.34 -14.59 -10.37
C ASP B 92 -6.93 -15.04 -9.05
N LEU B 93 -6.39 -14.55 -7.94
CA LEU B 93 -6.98 -14.80 -6.65
C LEU B 93 -7.73 -13.54 -6.20
N GLU B 94 -7.57 -12.45 -6.94
CA GLU B 94 -8.09 -11.15 -6.55
C GLU B 94 -7.71 -10.93 -5.07
N GLN B 95 -6.40 -10.92 -4.83
CA GLN B 95 -5.84 -10.93 -3.49
C GLN B 95 -4.66 -9.97 -3.51
N VAL B 96 -4.58 -9.11 -2.50
CA VAL B 96 -3.37 -8.34 -2.28
C VAL B 96 -2.70 -8.88 -1.02
N THR B 97 -1.38 -9.13 -1.08
CA THR B 97 -0.64 -9.55 0.11
C THR B 97 0.33 -8.43 0.43
N ILE B 98 0.35 -8.02 1.69
CA ILE B 98 1.29 -6.99 2.17
C ILE B 98 2.31 -7.64 3.07
N GLN B 99 3.60 -7.38 2.82
CA GLN B 99 4.66 -7.97 3.63
C GLN B 99 5.94 -7.13 3.58
N LYS B 100 6.96 -7.51 4.34
CA LYS B 100 8.25 -6.79 4.29
C LYS B 100 9.13 -7.31 3.12
N LEU B 101 9.95 -6.43 2.54
CA LEU B 101 10.87 -6.75 1.43
C LEU B 101 11.69 -8.00 1.71
N ASP B 102 12.45 -7.98 2.81
CA ASP B 102 13.15 -9.18 3.33
C ASP B 102 12.39 -10.53 3.33
N GLN B 103 11.09 -10.54 3.63
CA GLN B 103 10.26 -11.77 3.53
C GLN B 103 9.94 -12.21 2.09
N ARG B 104 10.02 -11.30 1.14
CA ARG B 104 9.59 -11.63 -0.21
C ARG B 104 10.78 -11.86 -1.12
N LEU B 105 11.97 -11.56 -0.60
CA LEU B 105 13.18 -11.62 -1.36
C LEU B 105 13.40 -12.96 -2.05
N THR B 106 13.00 -14.06 -1.43
CA THR B 106 13.17 -15.39 -2.03
C THR B 106 12.30 -15.58 -3.27
N GLN B 107 11.13 -14.93 -3.29
CA GLN B 107 10.20 -15.13 -4.42
C GLN B 107 10.36 -14.05 -5.49
N THR B 108 10.98 -12.95 -5.07
CA THR B 108 11.24 -11.83 -5.94
C THR B 108 12.62 -11.34 -5.55
N PRO B 109 13.67 -12.09 -5.97
CA PRO B 109 15.04 -11.69 -5.62
C PRO B 109 15.41 -10.31 -6.07
N ALA B 110 14.80 -9.84 -7.17
CA ALA B 110 15.15 -8.49 -7.64
C ALA B 110 14.81 -7.41 -6.65
N LEU B 111 14.12 -7.76 -5.56
CA LEU B 111 13.87 -6.75 -4.50
C LEU B 111 15.19 -6.22 -3.97
N LEU B 112 16.23 -7.04 -4.09
CA LEU B 112 17.55 -6.66 -3.60
C LEU B 112 18.04 -5.37 -4.23
N LEU B 113 17.63 -5.09 -5.47
CA LEU B 113 18.05 -3.90 -6.21
C LEU B 113 17.63 -2.65 -5.53
N SER B 114 16.55 -2.74 -4.76
CA SER B 114 15.95 -1.55 -4.14
CA SER B 114 15.92 -1.58 -4.15
C SER B 114 16.07 -1.52 -2.62
N GLY B 115 16.70 -2.54 -2.04
CA GLY B 115 16.74 -2.62 -0.57
C GLY B 115 17.80 -1.70 -0.02
N ASP B 116 17.81 -1.56 1.29
CA ASP B 116 18.88 -0.83 1.96
C ASP B 116 20.01 -1.86 2.09
N ILE B 117 21.08 -1.73 1.28
CA ILE B 117 22.15 -2.76 1.27
C ILE B 117 22.88 -2.86 2.61
N SER B 118 23.17 -1.73 3.26
CA SER B 118 23.82 -1.81 4.56
C SER B 118 22.91 -2.52 5.57
N LYS B 119 21.60 -2.24 5.51
CA LYS B 119 20.58 -2.88 6.38
C LYS B 119 20.50 -4.40 6.11
N ILE B 120 20.46 -4.75 4.81
CA ILE B 120 20.54 -6.12 4.31
C ILE B 120 21.81 -6.84 4.76
N SER B 121 22.96 -6.14 4.64
CA SER B 121 24.23 -6.64 5.14
C SER B 121 24.25 -7.09 6.61
N GLU B 122 23.25 -6.72 7.40
CA GLU B 122 23.19 -7.14 8.81
C GLU B 122 22.64 -8.56 8.79
N SER B 123 22.00 -8.89 7.66
CA SER B 123 21.22 -10.13 7.46
C SER B 123 21.78 -11.13 6.41
N PHE B 124 22.67 -10.66 5.53
CA PHE B 124 23.32 -11.52 4.50
C PHE B 124 24.80 -11.21 4.34
N ALA B 125 25.62 -12.27 4.24
CA ALA B 125 27.01 -12.15 3.91
C ALA B 125 27.16 -11.98 2.40
N ILE B 126 27.90 -10.96 1.97
CA ILE B 126 28.00 -10.64 0.54
C ILE B 126 29.45 -10.83 0.07
N THR B 127 29.63 -11.51 -1.08
CA THR B 127 30.99 -11.61 -1.63
C THR B 127 30.94 -11.24 -3.12
N TYR B 128 32.08 -10.94 -3.73
CA TYR B 128 32.03 -10.65 -5.16
C TYR B 128 33.26 -11.15 -5.88
N LYS B 129 33.14 -11.20 -7.20
CA LYS B 129 34.24 -11.49 -8.07
C LYS B 129 34.05 -10.52 -9.22
N GLU B 130 35.14 -10.16 -9.90
CA GLU B 130 35.03 -9.28 -11.06
C GLU B 130 35.96 -9.78 -12.16
N GLY B 131 35.56 -9.59 -13.40
CA GLY B 131 36.37 -9.94 -14.53
C GLY B 131 35.83 -9.23 -15.75
N GLY B 132 36.71 -8.60 -16.48
CA GLY B 132 36.26 -7.92 -17.68
C GLY B 132 35.28 -6.86 -17.27
N ASN B 133 34.18 -6.69 -18.02
CA ASN B 133 33.19 -5.75 -17.62
C ASN B 133 32.04 -6.35 -16.79
N VAL B 134 32.31 -7.50 -16.16
CA VAL B 134 31.35 -8.15 -15.25
C VAL B 134 31.74 -8.06 -13.75
N VAL B 135 30.73 -7.80 -12.89
CA VAL B 135 30.88 -7.91 -11.43
C VAL B 135 29.73 -8.80 -10.96
N ASP B 136 30.10 -9.88 -10.24
CA ASP B 136 29.17 -11.01 -9.89
C ASP B 136 29.16 -11.00 -8.34
N PHE B 137 28.01 -10.79 -7.73
CA PHE B 137 27.89 -10.82 -6.27
C PHE B 137 27.15 -12.08 -5.84
N VAL B 138 27.48 -12.57 -4.67
CA VAL B 138 26.81 -13.74 -4.11
C VAL B 138 26.42 -13.40 -2.68
N LEU B 139 25.16 -13.66 -2.31
CA LEU B 139 24.62 -13.37 -0.98
C LEU B 139 24.16 -14.65 -0.31
N LYS B 140 24.46 -14.76 0.97
CA LYS B 140 24.04 -15.91 1.76
C LYS B 140 23.55 -15.42 3.07
N PRO B 141 22.55 -16.11 3.64
CA PRO B 141 22.00 -15.87 4.95
C PRO B 141 23.02 -15.63 6.04
N LYS B 142 24.09 -16.43 6.09
CA LYS B 142 24.96 -16.50 7.28
C LYS B 142 24.26 -17.13 8.50
N LEU B 147 15.33 -19.88 4.44
CA LEU B 147 14.45 -19.87 3.25
C LEU B 147 15.20 -19.72 1.92
N PHE B 148 16.43 -19.21 1.97
CA PHE B 148 17.21 -19.17 0.74
C PHE B 148 18.65 -19.60 0.90
N ASP B 149 19.13 -20.32 -0.11
CA ASP B 149 20.48 -20.87 -0.13
C ASP B 149 21.49 -19.78 -0.56
N THR B 150 21.21 -19.20 -1.72
CA THR B 150 22.23 -18.43 -2.39
C THR B 150 21.52 -17.56 -3.40
N LEU B 151 21.89 -16.30 -3.46
CA LEU B 151 21.33 -15.35 -4.42
C LEU B 151 22.50 -14.71 -5.07
N ARG B 152 22.49 -14.69 -6.41
CA ARG B 152 23.59 -14.15 -7.19
CA ARG B 152 23.60 -14.15 -7.20
C ARG B 152 23.02 -13.01 -8.03
N LEU B 153 23.75 -11.91 -8.15
CA LEU B 153 23.34 -10.79 -8.99
C LEU B 153 24.63 -10.43 -9.75
N SER B 154 24.55 -10.32 -11.06
CA SER B 154 25.65 -9.85 -11.89
C SER B 154 25.34 -8.56 -12.57
N PHE B 155 26.34 -7.70 -12.67
CA PHE B 155 26.27 -6.47 -13.47
C PHE B 155 27.15 -6.65 -14.70
N ARG B 156 26.80 -6.04 -15.81
CA ARG B 156 27.67 -6.06 -17.01
C ARG B 156 27.72 -4.62 -17.50
N SER B 157 28.96 -4.12 -17.64
CA SER B 157 29.19 -2.70 -17.98
C SER B 157 28.40 -1.77 -17.05
N GLY B 158 28.37 -2.07 -15.75
CA GLY B 158 27.80 -1.15 -14.77
C GLY B 158 26.29 -1.26 -14.56
N LYS B 159 25.64 -2.13 -15.33
CA LYS B 159 24.17 -2.26 -15.34
C LYS B 159 23.75 -3.65 -14.91
N VAL B 160 22.56 -3.75 -14.29
CA VAL B 160 22.10 -4.99 -13.75
C VAL B 160 21.98 -5.89 -14.96
N ASN B 161 22.30 -7.15 -14.77
CA ASN B 161 22.35 -8.06 -15.93
C ASN B 161 21.59 -9.38 -15.74
N ASP B 162 21.85 -10.06 -14.63
CA ASP B 162 21.17 -11.34 -14.45
C ASP B 162 21.21 -11.69 -12.99
N MET B 163 20.35 -12.60 -12.57
CA MET B 163 20.33 -13.05 -11.17
C MET B 163 20.04 -14.52 -11.13
N GLN B 164 20.40 -15.14 -10.01
CA GLN B 164 19.96 -16.52 -9.78
C GLN B 164 19.68 -16.69 -8.31
N MET B 165 18.53 -17.27 -7.99
CA MET B 165 18.10 -17.54 -6.61
C MET B 165 18.02 -19.04 -6.52
N ILE B 166 18.61 -19.61 -5.50
CA ILE B 166 18.33 -21.03 -5.18
C ILE B 166 17.78 -21.07 -3.77
N ASP B 167 16.56 -21.59 -3.60
CA ASP B 167 15.86 -21.44 -2.35
C ASP B 167 16.13 -22.66 -1.47
N GLY B 168 15.58 -22.67 -0.27
CA GLY B 168 15.86 -23.73 0.72
C GLY B 168 15.31 -25.12 0.44
N VAL B 169 14.44 -25.27 -0.56
CA VAL B 169 14.06 -26.60 -1.07
C VAL B 169 14.70 -26.86 -2.47
N GLY B 170 15.65 -26.01 -2.87
CA GLY B 170 16.45 -26.25 -4.05
C GLY B 170 15.84 -25.78 -5.38
N GLN B 171 14.72 -25.06 -5.32
CA GLN B 171 14.19 -24.41 -6.51
C GLN B 171 15.23 -23.41 -6.99
N ARG B 172 15.52 -23.43 -8.30
CA ARG B 172 16.45 -22.46 -8.89
C ARG B 172 15.71 -21.52 -9.84
N THR B 173 15.98 -20.22 -9.69
CA THR B 173 15.37 -19.20 -10.54
C THR B 173 16.51 -18.46 -11.24
N ASN B 174 16.43 -18.31 -12.56
CA ASN B 174 17.40 -17.53 -13.31
C ASN B 174 16.60 -16.43 -13.95
N ILE B 175 17.14 -15.25 -13.87
CA ILE B 175 16.53 -14.06 -14.39
C ILE B 175 17.55 -13.44 -15.34
N LEU B 176 17.13 -13.09 -16.56
CA LEU B 176 17.99 -12.33 -17.43
C LEU B 176 17.32 -11.01 -17.63
N PHE B 177 18.08 -9.90 -17.48
CA PHE B 177 17.51 -8.54 -17.80
C PHE B 177 17.97 -8.04 -19.16
N PHE B 178 17.13 -7.26 -19.85
CA PHE B 178 17.47 -6.66 -21.12
C PHE B 178 16.66 -5.33 -21.29
N ASP B 179 16.99 -4.52 -22.29
CA ASP B 179 16.39 -3.19 -22.44
C ASP B 179 16.56 -2.38 -21.19
N VAL B 180 17.73 -2.49 -20.57
CA VAL B 180 18.03 -1.75 -19.37
C VAL B 180 18.13 -0.29 -19.77
N LYS B 181 17.44 0.57 -19.03
CA LYS B 181 17.51 2.01 -19.23
C LYS B 181 17.72 2.59 -17.86
N MET B 182 18.79 3.36 -17.71
CA MET B 182 19.10 3.94 -16.41
C MET B 182 19.01 5.43 -16.42
N ASN B 183 18.60 5.99 -15.28
CA ASN B 183 18.59 7.42 -15.05
C ASN B 183 17.77 8.25 -16.05
N GLU B 184 16.72 7.64 -16.58
CA GLU B 184 15.70 8.38 -17.34
C GLU B 184 14.49 8.68 -16.50
N ALA B 185 13.66 9.62 -16.99
CA ALA B 185 12.46 10.07 -16.28
C ALA B 185 11.57 8.91 -15.93
N LEU B 186 11.18 8.86 -14.67
CA LEU B 186 10.34 7.81 -14.15
C LEU B 186 9.45 8.48 -13.11
N ASP B 187 8.14 8.50 -13.36
CA ASP B 187 7.18 9.08 -12.45
C ASP B 187 6.77 8.14 -11.33
N ALA B 188 6.53 8.72 -10.15
CA ALA B 188 5.99 7.97 -9.01
C ALA B 188 4.70 7.26 -9.39
N LYS B 189 4.04 7.78 -10.42
CA LYS B 189 2.85 7.18 -11.07
C LYS B 189 3.02 5.70 -11.35
N GLN B 190 4.12 5.35 -12.00
CA GLN B 190 4.39 3.98 -12.44
C GLN B 190 4.49 3.01 -11.28
N PHE B 191 4.46 3.51 -10.06
CA PHE B 191 4.50 2.63 -8.88
C PHE B 191 3.15 2.46 -8.20
N THR B 192 2.09 2.85 -8.90
CA THR B 192 0.76 2.77 -8.37
C THR B 192 0.22 1.41 -8.61
N PHE B 193 -0.81 1.12 -7.82
CA PHE B 193 -1.24 -0.23 -7.52
C PHE B 193 -2.76 -0.04 -7.42
N ASP B 194 -3.43 0.32 -8.53
CA ASP B 194 -4.89 0.64 -8.53
C ASP B 194 -5.85 -0.55 -8.78
N VAL B 195 -5.59 -1.61 -8.03
CA VAL B 195 -6.40 -2.80 -7.82
C VAL B 195 -7.94 -2.63 -7.68
N PRO B 196 -8.65 -3.71 -7.96
CA PRO B 196 -10.13 -3.70 -7.92
C PRO B 196 -10.79 -3.48 -6.57
N PRO B 197 -11.99 -2.86 -6.57
CA PRO B 197 -12.73 -2.74 -5.34
C PRO B 197 -13.08 -4.11 -4.77
N GLY B 198 -13.02 -4.26 -3.44
CA GLY B 198 -13.38 -5.52 -2.79
C GLY B 198 -12.28 -6.58 -2.74
N VAL B 199 -11.07 -6.24 -3.19
CA VAL B 199 -9.96 -7.19 -3.25
C VAL B 199 -9.63 -7.78 -1.87
N ASP B 200 -9.33 -9.08 -1.80
CA ASP B 200 -8.94 -9.68 -0.50
C ASP B 200 -7.58 -9.16 -0.14
N VAL B 201 -7.41 -8.58 1.04
CA VAL B 201 -6.10 -8.08 1.53
C VAL B 201 -5.60 -8.91 2.71
N ILE B 202 -4.33 -9.38 2.67
CA ILE B 202 -3.73 -10.27 3.65
C ILE B 202 -2.42 -9.68 3.96
N GLN B 203 -2.09 -9.64 5.24
CA GLN B 203 -0.74 -9.36 5.58
C GLN B 203 0.03 -10.64 5.95
N GLU B 204 1.27 -10.74 5.50
CA GLU B 204 2.11 -11.86 5.93
C GLU B 204 3.12 -11.44 6.97
#